data_9HDS
#
_entry.id   9HDS
#
_cell.length_a   85.640
_cell.length_b   117.320
_cell.length_c   60.870
_cell.angle_alpha   90.00
_cell.angle_beta   90.00
_cell.angle_gamma   90.00
#
_symmetry.space_group_name_H-M   'C 2 2 21'
#
loop_
_entity.id
_entity.type
_entity.pdbx_description
1 polymer "Uridine 5'-monophosphate synthase"
2 non-polymer "URIDINE-5'-MONOPHOSPHATE"
3 non-polymer PROLINE
4 non-polymer "THYMIDINE-5'-PHOSPHATE"
5 water water
#
_entity_poly.entity_id   1
_entity_poly.type   'polypeptide(L)'
_entity_poly.pdbx_seq_one_letter_code
;MELSFGARAELPRIHPVASKLLRLMQKKETNLCLSADVSLARELLQLADALGPSICMLKTHVDILNDFTLDVMKELITLA
K(CSS)HEFLIFEDRKFADIGNNVKKQYEGGIFKIASWADLVNAHVVPGSGVVKGLQEVGLPLHRGCLLIAEMSSTGSLA
TGDYTRAAVRMAEEHSEFVVGFISGSRVSMKPEFLHLTPGVQLEAGGDNLGQQYNSPQEVIGKRGSDIIIVGRGIISAAD
RLEAAEMYRKAAWEAYLSRLGV
;
_entity_poly.pdbx_strand_id   A
#
# COMPACT_ATOMS: atom_id res chain seq x y z
N MET A 1 6.75 1.90 -23.57
CA MET A 1 6.81 0.83 -22.59
C MET A 1 6.59 1.38 -21.20
N GLU A 2 7.56 2.12 -20.66
N GLU A 2 7.56 2.12 -20.66
CA GLU A 2 7.39 2.72 -19.34
CA GLU A 2 7.40 2.71 -19.34
C GLU A 2 6.52 3.95 -19.45
C GLU A 2 6.54 3.96 -19.43
N LEU A 3 5.48 4.01 -18.64
CA LEU A 3 4.52 5.10 -18.65
C LEU A 3 4.56 5.84 -17.32
N SER A 4 4.29 7.14 -17.36
CA SER A 4 4.14 7.90 -16.15
C SER A 4 2.96 7.40 -15.33
N PHE A 5 2.96 7.78 -14.05
CA PHE A 5 1.80 7.45 -13.23
C PHE A 5 0.52 8.04 -13.82
N GLY A 6 0.59 9.30 -14.29
CA GLY A 6 -0.62 9.90 -14.87
C GLY A 6 -1.14 9.17 -16.09
N ALA A 7 -0.24 8.69 -16.94
CA ALA A 7 -0.68 7.89 -18.09
C ALA A 7 -1.21 6.54 -17.65
N ARG A 8 -0.59 5.92 -16.65
CA ARG A 8 -1.10 4.63 -16.17
C ARG A 8 -2.51 4.77 -15.60
N ALA A 9 -2.82 5.93 -15.01
CA ALA A 9 -4.14 6.18 -14.48
C ALA A 9 -5.23 6.13 -15.55
N GLU A 10 -4.85 6.27 -16.82
N GLU A 10 -4.84 6.28 -16.82
CA GLU A 10 -5.80 6.27 -17.93
CA GLU A 10 -5.76 6.31 -17.95
C GLU A 10 -5.83 4.96 -18.68
C GLU A 10 -5.86 4.96 -18.66
N LEU A 11 -5.10 3.94 -18.24
CA LEU A 11 -5.08 2.69 -18.99
C LEU A 11 -6.48 2.08 -19.08
N PRO A 12 -6.81 1.45 -20.21
CA PRO A 12 -8.16 0.87 -20.35
C PRO A 12 -8.56 -0.09 -19.23
N ARG A 13 -7.65 -0.92 -18.76
CA ARG A 13 -7.97 -1.94 -17.77
C ARG A 13 -7.72 -1.49 -16.34
N ILE A 14 -7.46 -0.21 -16.10
CA ILE A 14 -7.16 0.24 -14.75
C ILE A 14 -8.37 0.11 -13.83
N HIS A 15 -8.11 -0.26 -12.60
CA HIS A 15 -9.14 -0.28 -11.58
C HIS A 15 -9.39 1.14 -11.06
N PRO A 16 -10.63 1.51 -10.71
N PRO A 16 -10.63 1.50 -10.72
CA PRO A 16 -10.87 2.88 -10.22
CA PRO A 16 -10.87 2.87 -10.23
C PRO A 16 -10.04 3.28 -9.02
C PRO A 16 -10.02 3.29 -9.04
N VAL A 17 -9.73 2.37 -8.11
CA VAL A 17 -8.91 2.75 -6.96
C VAL A 17 -7.48 3.04 -7.39
N ALA A 18 -6.95 2.19 -8.26
CA ALA A 18 -5.62 2.42 -8.80
C ALA A 18 -5.55 3.73 -9.58
N SER A 19 -6.58 4.02 -10.38
N SER A 19 -6.58 4.05 -10.38
CA SER A 19 -6.59 5.27 -11.15
CA SER A 19 -6.52 5.29 -11.15
C SER A 19 -6.57 6.49 -10.24
C SER A 19 -6.58 6.51 -10.24
N LYS A 20 -7.40 6.48 -9.19
CA LYS A 20 -7.45 7.59 -8.25
C LYS A 20 -6.08 7.81 -7.61
N LEU A 21 -5.45 6.71 -7.18
CA LEU A 21 -4.12 6.77 -6.57
C LEU A 21 -3.10 7.34 -7.56
N LEU A 22 -3.04 6.77 -8.76
CA LEU A 22 -2.05 7.20 -9.74
C LEU A 22 -2.22 8.68 -10.09
N ARG A 23 -3.45 9.14 -10.19
CA ARG A 23 -3.68 10.56 -10.48
C ARG A 23 -3.13 11.46 -9.36
N LEU A 24 -3.36 11.10 -8.10
CA LEU A 24 -2.88 11.95 -7.02
C LEU A 24 -1.36 11.84 -6.85
N MET A 25 -0.79 10.70 -7.19
N MET A 25 -0.79 10.67 -7.15
CA MET A 25 0.67 10.56 -7.18
CA MET A 25 0.67 10.56 -7.18
C MET A 25 1.28 11.54 -8.17
C MET A 25 1.26 11.56 -8.16
N GLN A 26 0.73 11.59 -9.38
CA GLN A 26 1.22 12.50 -10.40
C GLN A 26 1.02 13.95 -9.99
N LYS A 27 -0.16 14.27 -9.47
CA LYS A 27 -0.48 15.65 -9.11
C LYS A 27 0.46 16.17 -8.03
N LYS A 28 0.71 15.36 -7.01
CA LYS A 28 1.48 15.76 -5.83
C LYS A 28 2.96 15.43 -5.93
N GLU A 29 3.38 14.76 -6.99
N GLU A 29 3.39 14.74 -6.98
CA GLU A 29 4.75 14.28 -7.14
CA GLU A 29 4.78 14.31 -7.12
C GLU A 29 5.18 13.51 -5.88
C GLU A 29 5.22 13.45 -5.93
N THR A 30 4.37 12.50 -5.55
CA THR A 30 4.72 11.60 -4.46
C THR A 30 4.33 10.18 -4.78
N ASN A 31 5.27 9.28 -4.50
CA ASN A 31 5.09 7.84 -4.53
C ASN A 31 5.55 7.24 -3.20
N LEU A 32 5.28 7.98 -2.13
CA LEU A 32 5.59 7.57 -0.75
C LEU A 32 4.33 7.20 0.01
N CYS A 33 4.34 6.00 0.60
CA CYS A 33 3.32 5.54 1.53
C CYS A 33 3.91 5.55 2.93
N LEU A 34 3.30 6.32 3.83
CA LEU A 34 3.72 6.36 5.22
C LEU A 34 3.16 5.16 5.97
N SER A 35 4.01 4.42 6.67
CA SER A 35 3.56 3.32 7.53
C SER A 35 3.39 3.86 8.94
N ALA A 36 2.14 4.14 9.32
CA ALA A 36 1.84 4.81 10.57
C ALA A 36 1.71 3.81 11.72
N ASP A 37 2.87 3.22 12.09
CA ASP A 37 2.91 2.16 13.08
C ASP A 37 3.02 2.77 14.48
N VAL A 38 1.92 3.36 14.94
CA VAL A 38 1.83 4.09 16.19
C VAL A 38 0.68 3.52 17.02
N SER A 39 0.72 3.78 18.33
N SER A 39 0.72 3.80 18.33
CA SER A 39 -0.28 3.22 19.22
CA SER A 39 -0.23 3.24 19.27
C SER A 39 -1.39 4.18 19.62
C SER A 39 -1.39 4.17 19.61
N LEU A 40 -1.29 5.47 19.33
CA LEU A 40 -2.28 6.44 19.75
C LEU A 40 -2.91 7.17 18.58
N ALA A 41 -4.23 7.35 18.67
CA ALA A 41 -4.96 8.10 17.66
C ALA A 41 -4.43 9.52 17.50
N ARG A 42 -4.05 10.18 18.59
N ARG A 42 -4.01 10.16 18.58
CA ARG A 42 -3.50 11.54 18.48
CA ARG A 42 -3.48 11.52 18.46
C ARG A 42 -2.37 11.57 17.47
C ARG A 42 -2.25 11.56 17.57
N GLU A 43 -1.43 10.63 17.63
N GLU A 43 -1.40 10.54 17.68
CA GLU A 43 -0.25 10.63 16.81
CA GLU A 43 -0.18 10.49 16.87
C GLU A 43 -0.58 10.23 15.38
C GLU A 43 -0.51 10.16 15.42
N LEU A 44 -1.46 9.24 15.20
CA LEU A 44 -1.90 8.88 13.85
C LEU A 44 -2.41 10.13 13.12
N LEU A 45 -3.28 10.89 13.78
CA LEU A 45 -3.89 12.04 13.13
C LEU A 45 -2.89 13.19 12.97
N GLN A 46 -1.96 13.37 13.91
CA GLN A 46 -0.90 14.35 13.72
C GLN A 46 -0.04 14.02 12.52
N LEU A 47 0.33 12.76 12.36
CA LEU A 47 1.11 12.33 11.21
C LEU A 47 0.34 12.56 9.92
N ALA A 48 -0.94 12.17 9.90
CA ALA A 48 -1.76 12.33 8.70
C ALA A 48 -1.84 13.79 8.28
N ASP A 49 -1.97 14.70 9.24
CA ASP A 49 -2.09 16.10 8.88
C ASP A 49 -0.74 16.67 8.46
N ALA A 50 0.32 16.40 9.21
CA ALA A 50 1.62 17.02 8.91
C ALA A 50 2.25 16.47 7.65
N LEU A 51 2.09 15.16 7.42
CA LEU A 51 2.75 14.47 6.32
C LEU A 51 1.81 14.23 5.15
N GLY A 52 0.51 14.49 5.31
CA GLY A 52 -0.45 14.30 4.25
C GLY A 52 -0.02 14.88 2.90
N PRO A 53 0.50 16.12 2.89
CA PRO A 53 0.92 16.70 1.59
C PRO A 53 2.06 15.96 0.92
N SER A 54 2.85 15.20 1.67
CA SER A 54 4.04 14.53 1.17
C SER A 54 3.81 13.10 0.71
N ILE A 55 2.61 12.53 0.95
CA ILE A 55 2.38 11.11 0.77
C ILE A 55 1.24 10.87 -0.23
N CYS A 56 1.29 9.73 -0.87
CA CYS A 56 0.17 9.27 -1.69
C CYS A 56 -0.77 8.35 -0.92
N MET A 57 -0.34 7.88 0.24
CA MET A 57 -1.04 6.82 0.95
C MET A 57 -0.54 6.81 2.37
N LEU A 58 -1.44 6.44 3.28
CA LEU A 58 -1.13 6.23 4.68
C LEU A 58 -1.57 4.82 5.02
N LYS A 59 -0.64 4.03 5.54
CA LYS A 59 -0.89 2.64 5.95
C LYS A 59 -1.20 2.65 7.44
N THR A 60 -2.46 2.39 7.77
CA THR A 60 -2.91 2.30 9.15
C THR A 60 -2.59 0.91 9.70
N HIS A 61 -2.59 0.83 11.02
CA HIS A 61 -2.26 -0.41 11.72
C HIS A 61 -3.20 -0.53 12.90
N VAL A 62 -4.49 -0.76 12.63
CA VAL A 62 -5.47 -0.62 13.68
C VAL A 62 -5.30 -1.63 14.81
N ASP A 63 -4.68 -2.78 14.53
CA ASP A 63 -4.51 -3.80 15.56
C ASP A 63 -3.59 -3.35 16.70
N ILE A 64 -2.83 -2.26 16.53
CA ILE A 64 -2.00 -1.72 17.60
C ILE A 64 -2.48 -0.37 18.10
N LEU A 65 -3.54 0.17 17.50
N LEU A 65 -3.62 0.11 17.59
CA LEU A 65 -4.12 1.41 17.98
CA LEU A 65 -4.11 1.44 17.95
C LEU A 65 -4.86 1.13 19.28
C LEU A 65 -4.95 1.33 19.22
N ASN A 66 -4.37 1.73 20.36
CA ASN A 66 -4.97 1.46 21.66
C ASN A 66 -6.32 2.12 21.86
N ASP A 67 -6.54 3.25 21.18
CA ASP A 67 -7.76 4.03 21.32
C ASP A 67 -8.51 4.13 19.98
N PHE A 68 -8.44 3.07 19.17
CA PHE A 68 -9.25 2.99 17.97
C PHE A 68 -10.72 3.24 18.28
N THR A 69 -11.35 4.08 17.46
CA THR A 69 -12.80 4.10 17.31
C THR A 69 -13.08 4.42 15.85
N LEU A 70 -14.31 4.19 15.42
CA LEU A 70 -14.69 4.59 14.07
C LEU A 70 -14.71 6.10 13.91
N ASP A 71 -14.87 6.86 15.00
CA ASP A 71 -14.75 8.30 14.89
C ASP A 71 -13.33 8.73 14.56
N VAL A 72 -12.32 8.00 15.04
CA VAL A 72 -10.94 8.27 14.61
C VAL A 72 -10.82 8.06 13.12
N MET A 73 -11.41 6.99 12.60
N MET A 73 -11.38 6.96 12.61
CA MET A 73 -11.30 6.74 11.18
CA MET A 73 -11.34 6.71 11.19
C MET A 73 -12.08 7.74 10.35
C MET A 73 -12.02 7.81 10.41
N LYS A 74 -13.17 8.30 10.89
CA LYS A 74 -13.87 9.38 10.20
C LYS A 74 -12.98 10.61 10.11
N GLU A 75 -12.27 10.93 11.19
N GLU A 75 -12.24 10.92 11.17
CA GLU A 75 -11.31 12.04 11.16
CA GLU A 75 -11.35 12.06 11.11
C GLU A 75 -10.20 11.78 10.16
C GLU A 75 -10.15 11.80 10.20
N LEU A 76 -9.69 10.55 10.11
CA LEU A 76 -8.65 10.22 9.16
C LEU A 76 -9.14 10.38 7.73
N ILE A 77 -10.37 9.94 7.45
CA ILE A 77 -10.95 10.11 6.12
C ILE A 77 -11.00 11.59 5.74
N THR A 78 -11.37 12.44 6.69
CA THR A 78 -11.39 13.87 6.40
C THR A 78 -10.02 14.37 5.97
N LEU A 79 -8.97 13.94 6.67
CA LEU A 79 -7.61 14.33 6.32
C LEU A 79 -7.18 13.75 4.99
N ALA A 80 -7.55 12.49 4.73
CA ALA A 80 -7.21 11.85 3.46
C ALA A 80 -7.85 12.58 2.30
N LYS A 81 -9.09 13.02 2.46
CA LYS A 81 -9.76 13.77 1.40
C LYS A 81 -9.12 15.15 1.22
N HIS A 83 -6.00 16.31 2.12
CA HIS A 83 -4.63 16.25 1.64
C HIS A 83 -4.43 15.40 0.41
N GLU A 84 -5.42 14.57 0.09
CA GLU A 84 -5.45 13.70 -1.08
C GLU A 84 -4.44 12.56 -0.94
N PHE A 85 -4.83 11.56 -0.13
CA PHE A 85 -4.08 10.32 -0.05
C PHE A 85 -5.09 9.20 0.20
N LEU A 86 -4.69 7.98 -0.14
N LEU A 86 -4.69 7.97 -0.15
CA LEU A 86 -5.53 6.82 0.13
CA LEU A 86 -5.49 6.79 0.13
C LEU A 86 -5.16 6.18 1.48
C LEU A 86 -5.19 6.24 1.53
N ILE A 87 -6.13 5.48 2.06
CA ILE A 87 -5.97 4.77 3.32
C ILE A 87 -5.82 3.28 3.03
N PHE A 88 -4.72 2.70 3.50
CA PHE A 88 -4.37 1.29 3.30
C PHE A 88 -4.23 0.66 4.68
N GLU A 89 -5.07 -0.32 5.02
CA GLU A 89 -4.93 -0.97 6.31
C GLU A 89 -3.93 -2.13 6.24
N ASP A 90 -3.09 -2.25 7.29
CA ASP A 90 -2.00 -3.21 7.34
C ASP A 90 -2.41 -4.67 7.53
N ARG A 91 -3.57 -4.93 8.14
CA ARG A 91 -3.97 -6.28 8.53
C ARG A 91 -3.61 -7.31 7.48
N LYS A 92 -2.89 -8.36 7.89
CA LYS A 92 -2.44 -9.37 6.96
C LYS A 92 -3.54 -10.42 6.78
N PHE A 93 -4.52 -10.17 5.90
CA PHE A 93 -5.57 -11.15 5.67
C PHE A 93 -4.94 -12.43 5.13
N ALA A 94 -5.22 -13.57 5.79
CA ALA A 94 -4.42 -14.74 5.53
C ALA A 94 -5.13 -16.00 6.02
N ASP A 95 -6.41 -16.09 5.71
CA ASP A 95 -7.29 -17.10 6.24
C ASP A 95 -8.11 -17.70 5.09
N ILE A 96 -8.86 -18.74 5.45
CA ILE A 96 -9.84 -19.27 4.50
C ILE A 96 -10.83 -18.17 4.14
N GLY A 97 -11.40 -18.30 2.94
CA GLY A 97 -12.29 -17.28 2.43
C GLY A 97 -13.43 -16.92 3.35
N ASN A 98 -14.05 -17.93 4.00
CA ASN A 98 -15.18 -17.65 4.86
C ASN A 98 -14.79 -16.74 6.01
N ASN A 99 -13.56 -16.89 6.53
CA ASN A 99 -13.10 -16.07 7.64
C ASN A 99 -12.68 -14.69 7.18
N VAL A 100 -11.94 -14.57 6.06
CA VAL A 100 -11.51 -13.22 5.68
C VAL A 100 -12.72 -12.34 5.36
N LYS A 101 -13.81 -12.92 4.83
CA LYS A 101 -15.01 -12.13 4.57
C LYS A 101 -15.47 -11.48 5.86
N LYS A 102 -15.53 -12.27 6.95
CA LYS A 102 -15.98 -11.76 8.25
C LYS A 102 -15.01 -10.75 8.81
N GLN A 103 -13.71 -11.02 8.68
CA GLN A 103 -12.68 -10.15 9.23
C GLN A 103 -12.63 -8.80 8.52
N TYR A 104 -12.92 -8.78 7.23
CA TYR A 104 -12.86 -7.53 6.47
C TYR A 104 -14.03 -6.64 6.82
N GLU A 105 -15.21 -7.21 6.96
N GLU A 105 -15.22 -7.21 6.97
CA GLU A 105 -16.42 -6.43 7.17
CA GLU A 105 -16.41 -6.41 7.16
C GLU A 105 -16.68 -6.08 8.63
C GLU A 105 -16.78 -6.14 8.62
N GLY A 106 -16.34 -6.98 9.55
CA GLY A 106 -16.93 -6.99 10.86
C GLY A 106 -16.01 -6.62 12.02
N GLY A 107 -16.39 -7.15 13.19
CA GLY A 107 -15.71 -6.82 14.42
C GLY A 107 -15.83 -5.34 14.78
N ILE A 108 -14.98 -4.94 15.72
N ILE A 108 -14.97 -4.94 15.72
CA ILE A 108 -14.96 -3.55 16.15
CA ILE A 108 -14.97 -3.54 16.15
C ILE A 108 -14.49 -2.64 14.99
C ILE A 108 -14.40 -2.61 15.07
N PHE A 109 -13.56 -3.12 14.18
CA PHE A 109 -12.86 -2.25 13.25
C PHE A 109 -13.61 -1.93 11.98
N LYS A 110 -14.48 -2.82 11.51
N LYS A 110 -14.47 -2.83 11.51
CA LYS A 110 -15.21 -2.62 10.25
CA LYS A 110 -15.20 -2.64 10.26
C LYS A 110 -14.28 -2.07 9.15
C LYS A 110 -14.28 -2.08 9.16
N ILE A 111 -13.19 -2.80 8.91
CA ILE A 111 -12.15 -2.31 8.02
C ILE A 111 -12.69 -1.90 6.65
N ALA A 112 -13.57 -2.70 6.05
CA ALA A 112 -14.07 -2.39 4.72
C ALA A 112 -14.79 -1.05 4.67
N SER A 113 -15.31 -0.56 5.78
N SER A 113 -15.30 -0.56 5.79
CA SER A 113 -16.05 0.70 5.76
CA SER A 113 -16.05 0.69 5.78
C SER A 113 -15.17 1.92 5.54
C SER A 113 -15.17 1.92 5.63
N TRP A 114 -13.86 1.79 5.73
CA TRP A 114 -12.96 2.94 5.63
C TRP A 114 -11.67 2.70 4.86
N ALA A 115 -11.21 1.47 4.66
CA ALA A 115 -9.92 1.24 4.01
C ALA A 115 -10.09 1.19 2.50
N ASP A 116 -9.47 2.12 1.79
CA ASP A 116 -9.44 2.05 0.34
C ASP A 116 -8.78 0.78 -0.14
N LEU A 117 -7.69 0.40 0.54
CA LEU A 117 -6.86 -0.73 0.19
C LEU A 117 -6.65 -1.62 1.40
N VAL A 118 -6.60 -2.93 1.13
CA VAL A 118 -6.17 -3.95 2.09
C VAL A 118 -5.12 -4.81 1.41
N ASN A 119 -4.40 -5.60 2.22
CA ASN A 119 -3.46 -6.56 1.68
C ASN A 119 -3.75 -7.96 2.20
N ALA A 120 -3.45 -8.95 1.37
CA ALA A 120 -3.66 -10.35 1.71
C ALA A 120 -2.44 -11.16 1.34
N HIS A 121 -2.16 -12.15 2.20
CA HIS A 121 -1.25 -13.22 1.84
C HIS A 121 -1.95 -14.22 0.93
N VAL A 122 -1.17 -14.81 0.02
CA VAL A 122 -1.71 -15.74 -0.97
C VAL A 122 -1.66 -17.19 -0.51
N VAL A 123 -1.00 -17.48 0.60
CA VAL A 123 -0.85 -18.85 1.08
C VAL A 123 -2.15 -19.64 1.16
N PRO A 124 -3.32 -19.09 1.51
CA PRO A 124 -4.53 -19.94 1.58
C PRO A 124 -5.07 -20.38 0.23
N GLY A 125 -4.54 -19.86 -0.87
CA GLY A 125 -5.18 -20.03 -2.17
C GLY A 125 -6.17 -18.92 -2.43
N SER A 126 -6.79 -18.97 -3.62
CA SER A 126 -7.56 -17.82 -4.12
C SER A 126 -8.83 -17.55 -3.35
N GLY A 127 -9.28 -18.46 -2.48
CA GLY A 127 -10.38 -18.12 -1.60
C GLY A 127 -10.10 -16.92 -0.71
N VAL A 128 -8.82 -16.63 -0.45
CA VAL A 128 -8.52 -15.44 0.35
C VAL A 128 -9.01 -14.18 -0.37
N VAL A 129 -8.89 -14.16 -1.69
CA VAL A 129 -9.39 -13.02 -2.47
C VAL A 129 -10.90 -13.10 -2.62
N LYS A 130 -11.42 -14.28 -2.97
N LYS A 130 -11.42 -14.29 -2.95
CA LYS A 130 -12.85 -14.40 -3.17
CA LYS A 130 -12.86 -14.42 -3.18
C LYS A 130 -13.61 -14.00 -1.91
C LYS A 130 -13.65 -14.07 -1.93
N GLY A 131 -13.13 -14.41 -0.74
CA GLY A 131 -13.83 -14.05 0.48
C GLY A 131 -13.87 -12.55 0.72
N LEU A 132 -12.75 -11.86 0.49
CA LEU A 132 -12.76 -10.41 0.59
C LEU A 132 -13.75 -9.80 -0.41
N GLN A 133 -13.75 -10.31 -1.64
N GLN A 133 -13.77 -10.33 -1.63
CA GLN A 133 -14.64 -9.79 -2.68
CA GLN A 133 -14.60 -9.79 -2.70
C GLN A 133 -16.09 -9.88 -2.30
C GLN A 133 -16.08 -10.02 -2.45
N GLU A 134 -16.45 -10.94 -1.57
CA GLU A 134 -17.83 -11.22 -1.29
C GLU A 134 -18.47 -10.19 -0.36
N VAL A 135 -17.68 -9.36 0.30
CA VAL A 135 -18.25 -8.33 1.15
C VAL A 135 -19.00 -7.33 0.27
N GLY A 136 -20.28 -7.18 0.54
CA GLY A 136 -21.09 -6.24 -0.19
C GLY A 136 -20.88 -4.83 0.29
N LEU A 137 -20.46 -3.97 -0.61
N LEU A 137 -20.46 -3.97 -0.62
CA LEU A 137 -20.27 -2.59 -0.23
CA LEU A 137 -20.19 -2.58 -0.26
C LEU A 137 -20.19 -1.73 -1.47
C LEU A 137 -20.27 -1.76 -1.54
N PRO A 138 -21.01 -0.67 -1.54
CA PRO A 138 -21.16 0.12 -2.77
C PRO A 138 -20.11 1.20 -2.94
N LEU A 139 -18.89 0.88 -2.57
CA LEU A 139 -17.77 1.81 -2.58
C LEU A 139 -16.62 1.17 -3.34
N HIS A 140 -15.70 2.00 -3.78
CA HIS A 140 -14.55 1.53 -4.54
C HIS A 140 -13.47 1.03 -3.58
N ARG A 141 -13.08 -0.22 -3.75
CA ARG A 141 -12.14 -0.88 -2.86
C ARG A 141 -11.20 -1.73 -3.67
N GLY A 142 -9.95 -1.83 -3.21
CA GLY A 142 -8.98 -2.69 -3.84
C GLY A 142 -8.19 -3.50 -2.83
N CYS A 143 -7.49 -4.48 -3.37
CA CYS A 143 -6.64 -5.37 -2.59
C CYS A 143 -5.27 -5.47 -3.24
N LEU A 144 -4.26 -5.63 -2.38
CA LEU A 144 -2.88 -5.86 -2.77
C LEU A 144 -2.47 -7.25 -2.30
N LEU A 145 -1.86 -8.03 -3.15
CA LEU A 145 -1.40 -9.36 -2.77
C LEU A 145 0.08 -9.32 -2.39
N ILE A 146 0.41 -10.02 -1.31
CA ILE A 146 1.79 -10.03 -0.81
C ILE A 146 2.56 -11.10 -1.58
N ALA A 147 3.29 -10.65 -2.60
CA ALA A 147 3.98 -11.53 -3.51
C ALA A 147 5.41 -11.83 -3.07
N GLU A 148 6.02 -10.90 -2.34
CA GLU A 148 7.37 -11.04 -1.75
C GLU A 148 7.32 -10.34 -0.40
N MET A 149 8.22 -10.73 0.50
CA MET A 149 8.37 -10.06 1.78
C MET A 149 9.81 -9.60 1.96
N SER A 150 9.97 -8.59 2.80
CA SER A 150 11.28 -7.94 2.99
C SER A 150 12.14 -8.61 4.06
N SER A 151 11.59 -9.53 4.81
CA SER A 151 12.23 -10.06 6.00
C SER A 151 13.10 -11.27 5.71
N THR A 152 14.09 -11.46 6.57
N THR A 152 14.14 -11.42 6.52
CA THR A 152 15.05 -12.55 6.41
CA THR A 152 15.06 -12.53 6.33
C THR A 152 14.37 -13.90 6.54
C THR A 152 14.35 -13.86 6.49
N GLY A 153 14.61 -14.78 5.56
CA GLY A 153 14.00 -16.07 5.57
C GLY A 153 12.64 -16.13 4.91
N SER A 154 12.18 -15.03 4.30
CA SER A 154 10.90 -15.04 3.61
C SER A 154 10.78 -16.23 2.69
N LEU A 155 9.60 -16.86 2.74
CA LEU A 155 9.25 -17.96 1.85
C LEU A 155 8.47 -17.50 0.63
N ALA A 156 8.25 -16.19 0.49
CA ALA A 156 7.48 -15.64 -0.63
C ALA A 156 8.43 -15.41 -1.81
N THR A 157 8.85 -16.52 -2.40
CA THR A 157 9.85 -16.52 -3.45
C THR A 157 9.44 -17.53 -4.52
N GLY A 158 10.08 -17.44 -5.68
CA GLY A 158 9.94 -18.50 -6.66
C GLY A 158 8.49 -18.75 -7.06
N ASP A 159 8.07 -20.01 -6.99
CA ASP A 159 6.73 -20.39 -7.41
C ASP A 159 5.65 -19.72 -6.56
N TYR A 160 5.97 -19.35 -5.31
CA TYR A 160 5.00 -18.66 -4.48
C TYR A 160 4.70 -17.28 -5.05
N THR A 161 5.74 -16.53 -5.40
CA THR A 161 5.57 -15.23 -6.03
C THR A 161 4.80 -15.37 -7.34
N ARG A 162 5.14 -16.36 -8.15
CA ARG A 162 4.42 -16.55 -9.40
C ARG A 162 2.95 -16.83 -9.16
N ALA A 163 2.63 -17.61 -8.13
CA ALA A 163 1.23 -17.88 -7.80
C ALA A 163 0.51 -16.60 -7.41
N ALA A 164 1.18 -15.71 -6.68
CA ALA A 164 0.56 -14.43 -6.33
C ALA A 164 0.24 -13.62 -7.57
N VAL A 165 1.16 -13.58 -8.53
CA VAL A 165 0.94 -12.81 -9.76
C VAL A 165 -0.24 -13.40 -10.54
N ARG A 166 -0.32 -14.72 -10.66
N ARG A 166 -0.29 -14.72 -10.67
CA ARG A 166 -1.44 -15.34 -11.36
CA ARG A 166 -1.41 -15.37 -11.34
C ARG A 166 -2.76 -15.05 -10.65
C ARG A 166 -2.72 -15.03 -10.65
N MET A 167 -2.74 -15.11 -9.32
CA MET A 167 -3.97 -14.85 -8.57
C MET A 167 -4.43 -13.41 -8.80
N ALA A 168 -3.50 -12.47 -8.81
CA ALA A 168 -3.86 -11.08 -9.07
C ALA A 168 -4.45 -10.90 -10.45
N GLU A 169 -3.78 -11.43 -11.46
N GLU A 169 -3.85 -11.55 -11.46
CA GLU A 169 -4.19 -11.19 -12.83
CA GLU A 169 -4.35 -11.46 -12.84
C GLU A 169 -5.49 -11.92 -13.15
C GLU A 169 -5.78 -11.95 -12.93
N GLU A 170 -5.92 -12.86 -12.31
N GLU A 170 -6.07 -13.10 -12.33
CA GLU A 170 -7.19 -13.56 -12.45
CA GLU A 170 -7.39 -13.68 -12.44
C GLU A 170 -8.33 -12.93 -11.64
C GLU A 170 -8.41 -13.03 -11.51
N HIS A 171 -8.01 -12.03 -10.72
CA HIS A 171 -8.96 -11.30 -9.87
C HIS A 171 -8.78 -9.80 -10.01
N SER A 172 -8.48 -9.33 -11.23
CA SER A 172 -8.15 -7.93 -11.45
C SER A 172 -9.33 -6.98 -11.28
N GLU A 173 -10.54 -7.51 -11.13
CA GLU A 173 -11.67 -6.66 -10.77
C GLU A 173 -11.56 -6.12 -9.35
N PHE A 174 -10.69 -6.70 -8.52
CA PHE A 174 -10.52 -6.30 -7.13
C PHE A 174 -9.05 -6.13 -6.74
N VAL A 175 -8.18 -7.01 -7.23
CA VAL A 175 -6.76 -6.91 -6.93
C VAL A 175 -6.14 -5.86 -7.83
N VAL A 176 -5.50 -4.87 -7.23
CA VAL A 176 -4.93 -3.73 -7.93
C VAL A 176 -3.42 -3.70 -7.90
N GLY A 177 -2.78 -4.67 -7.25
CA GLY A 177 -1.34 -4.68 -7.22
C GLY A 177 -0.81 -5.59 -6.14
N PHE A 178 0.43 -5.30 -5.77
CA PHE A 178 1.24 -6.19 -4.96
C PHE A 178 1.98 -5.42 -3.88
N ILE A 179 2.22 -6.13 -2.77
CA ILE A 179 3.33 -5.83 -1.87
C ILE A 179 4.47 -6.72 -2.34
N SER A 180 5.58 -6.11 -2.74
CA SER A 180 6.68 -6.87 -3.31
C SER A 180 7.97 -6.08 -3.13
N GLY A 181 9.10 -6.73 -3.41
CA GLY A 181 10.38 -6.04 -3.34
C GLY A 181 10.84 -5.46 -4.66
N SER A 182 10.12 -5.79 -5.72
N SER A 182 10.22 -5.90 -5.75
CA SER A 182 10.51 -5.53 -7.09
CA SER A 182 10.57 -5.51 -7.11
C SER A 182 9.25 -5.57 -7.93
C SER A 182 9.31 -5.66 -7.95
N ARG A 183 9.37 -5.16 -9.18
CA ARG A 183 8.31 -5.42 -10.14
C ARG A 183 8.18 -6.92 -10.32
N VAL A 184 6.96 -7.44 -10.14
CA VAL A 184 6.67 -8.86 -10.33
C VAL A 184 5.69 -9.11 -11.47
N SER A 185 4.90 -8.13 -11.86
CA SER A 185 4.03 -8.23 -13.01
C SER A 185 4.47 -7.24 -14.06
N MET A 186 4.42 -7.66 -15.32
CA MET A 186 4.68 -6.77 -16.44
C MET A 186 3.47 -5.98 -16.87
N LYS A 187 2.31 -6.18 -16.25
CA LYS A 187 1.11 -5.46 -16.65
C LYS A 187 1.08 -4.10 -15.95
N PRO A 188 1.07 -2.98 -16.69
CA PRO A 188 1.22 -1.66 -16.05
C PRO A 188 0.02 -1.19 -15.25
N GLU A 189 -1.10 -1.91 -15.32
N GLU A 189 -1.11 -1.88 -15.34
CA GLU A 189 -2.26 -1.58 -14.51
CA GLU A 189 -2.29 -1.55 -14.56
C GLU A 189 -2.06 -1.92 -13.03
C GLU A 189 -2.19 -2.04 -13.11
N PHE A 190 -1.07 -2.74 -12.70
N PHE A 190 -1.18 -2.84 -12.78
CA PHE A 190 -0.87 -3.20 -11.33
CA PHE A 190 -0.92 -3.23 -11.39
C PHE A 190 0.17 -2.36 -10.61
C PHE A 190 0.06 -2.25 -10.75
N LEU A 191 -0.16 -1.98 -9.40
N LEU A 191 -0.21 -1.93 -9.49
CA LEU A 191 0.71 -1.19 -8.53
CA LEU A 191 0.76 -1.19 -8.66
C LEU A 191 1.66 -2.09 -7.78
C LEU A 191 1.70 -2.15 -7.95
N HIS A 192 2.92 -1.67 -7.68
CA HIS A 192 3.90 -2.37 -6.86
C HIS A 192 4.28 -1.47 -5.69
N LEU A 193 4.02 -1.93 -4.47
CA LEU A 193 4.37 -1.21 -3.25
C LEU A 193 5.44 -2.00 -2.51
N THR A 194 6.52 -1.32 -2.14
CA THR A 194 7.68 -1.99 -1.55
C THR A 194 7.99 -1.45 -0.18
N PRO A 195 7.83 -2.30 0.85
CA PRO A 195 8.29 -1.99 2.21
C PRO A 195 9.72 -2.48 2.36
N GLY A 196 10.28 -2.32 3.57
CA GLY A 196 11.70 -2.59 3.74
C GLY A 196 12.57 -1.53 3.08
N VAL A 197 12.23 -0.26 3.29
CA VAL A 197 12.91 0.86 2.66
C VAL A 197 13.46 1.81 3.71
N GLN A 198 14.75 2.13 3.57
CA GLN A 198 15.41 3.19 4.33
C GLN A 198 16.51 3.78 3.46
N LEU A 199 16.88 5.02 3.74
CA LEU A 199 17.95 5.65 2.97
C LEU A 199 19.28 4.94 3.16
N GLU A 200 19.55 4.46 4.39
CA GLU A 200 20.80 3.80 4.75
C GLU A 200 20.66 2.29 4.71
N ALA A 201 21.78 1.62 4.44
CA ALA A 201 21.84 0.18 4.52
C ALA A 201 21.59 -0.26 5.95
N GLY A 202 20.95 -1.41 6.09
CA GLY A 202 20.80 -2.03 7.37
C GLY A 202 19.50 -2.82 7.46
N GLY A 203 19.06 -2.90 8.70
CA GLY A 203 17.95 -3.76 9.04
C GLY A 203 17.55 -3.48 10.46
N ASP A 204 16.74 -4.35 11.02
CA ASP A 204 16.45 -4.29 12.44
C ASP A 204 16.93 -5.59 13.09
N ASN A 205 16.65 -5.74 14.39
CA ASN A 205 17.10 -6.93 15.12
C ASN A 205 16.07 -8.04 15.13
N LEU A 206 15.02 -7.95 14.30
CA LEU A 206 13.95 -8.92 14.19
C LEU A 206 13.68 -9.25 12.73
N GLY A 207 14.73 -9.29 11.92
CA GLY A 207 14.65 -9.80 10.57
C GLY A 207 14.25 -8.82 9.48
N GLN A 208 13.96 -7.56 9.78
CA GLN A 208 13.68 -6.61 8.71
C GLN A 208 14.98 -6.32 7.98
N GLN A 209 14.89 -6.17 6.66
CA GLN A 209 16.02 -5.81 5.81
C GLN A 209 15.63 -4.59 4.99
N TYR A 210 16.55 -3.63 4.88
CA TYR A 210 16.27 -2.39 4.16
C TYR A 210 17.04 -2.29 2.85
N ASN A 211 16.39 -1.70 1.86
CA ASN A 211 17.00 -1.23 0.63
C ASN A 211 16.59 0.21 0.41
N SER A 212 17.34 0.91 -0.44
CA SER A 212 17.09 2.32 -0.61
C SER A 212 15.96 2.59 -1.61
N PRO A 213 15.39 3.80 -1.57
CA PRO A 213 14.41 4.16 -2.61
C PRO A 213 14.95 4.03 -4.01
N GLN A 214 16.19 4.50 -4.24
CA GLN A 214 16.75 4.39 -5.58
C GLN A 214 16.84 2.93 -6.03
N GLU A 215 17.27 2.05 -5.13
CA GLU A 215 17.34 0.63 -5.47
C GLU A 215 15.97 0.07 -5.82
N VAL A 216 14.98 0.29 -4.96
CA VAL A 216 13.72 -0.45 -5.15
C VAL A 216 12.87 0.14 -6.28
N ILE A 217 12.85 1.47 -6.42
CA ILE A 217 12.08 2.10 -7.48
C ILE A 217 12.87 2.13 -8.77
N GLY A 218 14.13 2.53 -8.71
CA GLY A 218 14.93 2.72 -9.89
C GLY A 218 15.45 1.45 -10.50
N LYS A 219 16.10 0.61 -9.71
CA LYS A 219 16.70 -0.62 -10.23
C LYS A 219 15.73 -1.80 -10.24
N ARG A 220 14.91 -1.95 -9.21
CA ARG A 220 14.02 -3.09 -9.10
C ARG A 220 12.64 -2.83 -9.68
N GLY A 221 12.33 -1.61 -10.10
CA GLY A 221 11.13 -1.35 -10.87
C GLY A 221 9.84 -1.22 -10.11
N SER A 222 9.88 -1.03 -8.80
N SER A 222 9.88 -1.02 -8.80
CA SER A 222 8.65 -0.87 -8.04
CA SER A 222 8.64 -0.85 -8.05
C SER A 222 8.08 0.55 -8.22
C SER A 222 8.07 0.55 -8.27
N ASP A 223 6.87 0.78 -7.72
CA ASP A 223 6.18 2.05 -7.90
C ASP A 223 6.18 2.95 -6.70
N ILE A 224 5.93 2.37 -5.51
CA ILE A 224 5.70 3.13 -4.29
C ILE A 224 6.61 2.54 -3.20
N ILE A 225 7.19 3.41 -2.39
CA ILE A 225 7.91 2.94 -1.19
C ILE A 225 7.02 3.07 0.03
N ILE A 226 7.06 2.05 0.89
CA ILE A 226 6.37 2.06 2.17
C ILE A 226 7.46 2.25 3.23
N VAL A 227 7.35 3.32 4.02
CA VAL A 227 8.38 3.69 5.00
C VAL A 227 7.71 3.94 6.34
N GLY A 228 8.16 3.20 7.36
CA GLY A 228 7.71 3.38 8.74
C GLY A 228 8.77 4.12 9.52
N ARG A 229 9.64 3.37 10.20
CA ARG A 229 10.63 3.91 11.13
C ARG A 229 11.53 4.97 10.49
N GLY A 230 11.85 4.85 9.21
CA GLY A 230 12.70 5.85 8.57
C GLY A 230 12.14 7.26 8.70
N ILE A 231 10.81 7.37 8.81
CA ILE A 231 10.14 8.63 9.05
C ILE A 231 9.69 8.76 10.50
N ILE A 232 8.93 7.79 11.01
CA ILE A 232 8.24 8.00 12.28
C ILE A 232 9.19 7.97 13.45
N SER A 233 10.39 7.40 13.30
CA SER A 233 11.39 7.38 14.37
C SER A 233 12.52 8.37 14.11
N ALA A 234 12.38 9.21 13.09
CA ALA A 234 13.39 10.21 12.77
C ALA A 234 13.32 11.38 13.72
N ALA A 235 14.46 12.06 13.88
CA ALA A 235 14.47 13.26 14.72
C ALA A 235 13.56 14.35 14.16
N ASP A 236 13.48 14.47 12.84
CA ASP A 236 12.68 15.50 12.17
C ASP A 236 11.83 14.77 11.13
N ARG A 237 10.57 14.52 11.47
CA ARG A 237 9.72 13.65 10.65
C ARG A 237 9.39 14.25 9.30
N LEU A 238 9.07 15.55 9.25
CA LEU A 238 8.74 16.17 7.97
C LEU A 238 9.94 16.19 7.05
N GLU A 239 11.11 16.56 7.59
CA GLU A 239 12.33 16.52 6.81
C GLU A 239 12.57 15.13 6.25
N ALA A 240 12.40 14.11 7.09
CA ALA A 240 12.59 12.75 6.62
C ALA A 240 11.59 12.38 5.53
N ALA A 241 10.31 12.69 5.75
CA ALA A 241 9.31 12.36 4.74
C ALA A 241 9.63 13.01 3.41
N GLU A 242 10.07 14.26 3.43
CA GLU A 242 10.42 14.94 2.18
C GLU A 242 11.65 14.32 1.53
N MET A 243 12.63 13.87 2.32
N MET A 243 12.64 13.88 2.32
CA MET A 243 13.78 13.20 1.72
CA MET A 243 13.80 13.20 1.73
C MET A 243 13.35 11.91 1.04
C MET A 243 13.34 11.91 1.03
N TYR A 244 12.50 11.13 1.71
CA TYR A 244 12.00 9.89 1.10
C TYR A 244 11.17 10.18 -0.14
N ARG A 245 10.28 11.18 -0.06
CA ARG A 245 9.46 11.51 -1.23
C ARG A 245 10.34 11.89 -2.43
N LYS A 246 11.32 12.77 -2.19
CA LYS A 246 12.16 13.21 -3.31
C LYS A 246 12.96 12.06 -3.87
N ALA A 247 13.46 11.18 -3.00
CA ALA A 247 14.24 10.04 -3.46
C ALA A 247 13.39 9.13 -4.34
N ALA A 248 12.19 8.76 -3.86
CA ALA A 248 11.37 7.83 -4.62
C ALA A 248 10.88 8.46 -5.92
N TRP A 249 10.58 9.76 -5.88
CA TRP A 249 10.04 10.41 -7.06
C TRP A 249 11.08 10.50 -8.16
N GLU A 250 12.29 10.97 -7.80
N GLU A 250 12.30 10.91 -7.78
CA GLU A 250 13.36 11.03 -8.79
CA GLU A 250 13.34 11.04 -8.79
C GLU A 250 13.68 9.65 -9.35
C GLU A 250 13.81 9.69 -9.31
N ALA A 251 13.73 8.64 -8.50
CA ALA A 251 14.05 7.30 -9.00
C ALA A 251 13.01 6.84 -10.03
N TYR A 252 11.75 7.18 -9.79
N TYR A 252 11.74 7.15 -9.81
CA TYR A 252 10.71 6.87 -10.75
CA TYR A 252 10.72 6.81 -10.81
C TYR A 252 10.92 7.63 -12.05
C TYR A 252 10.91 7.63 -12.08
N LEU A 253 11.19 8.93 -11.96
CA LEU A 253 11.40 9.75 -13.16
C LEU A 253 12.52 9.20 -14.03
N SER A 254 13.53 8.62 -13.39
CA SER A 254 14.70 8.14 -14.12
C SER A 254 14.36 7.03 -15.08
N ARG A 255 13.23 6.34 -14.91
N ARG A 255 13.23 6.34 -14.86
CA ARG A 255 12.89 5.29 -15.85
CA ARG A 255 12.79 5.25 -15.74
C ARG A 255 12.01 5.75 -17.01
C ARG A 255 11.94 5.73 -16.91
N LEU A 256 11.63 7.02 -16.98
CA LEU A 256 10.77 7.55 -18.05
C LEU A 256 11.55 8.09 -19.23
N GLY A 257 12.79 8.51 -19.02
CA GLY A 257 13.60 9.08 -20.09
C GLY A 257 12.82 10.01 -20.99
#